data_3K56
#
_entry.id   3K56
#
_cell.length_a   77.680
_cell.length_b   100.240
_cell.length_c   87.790
_cell.angle_alpha   90.00
_cell.angle_beta   90.00
_cell.angle_gamma   90.00
#
_symmetry.space_group_name_H-M   'P 21 21 2'
#
loop_
_entity.id
_entity.type
_entity.pdbx_description
1 polymer 'isopentenyl phosphate kinase'
2 non-polymer 'Isopentenyl Diphosphate Beta-S'
3 non-polymer 'SULFATE ION'
4 water water
#
_entity_poly.entity_id   1
_entity_poly.type   'polypeptide(L)'
_entity_poly.pdbx_seq_one_letter_code
;GSHGGSMLTILKLGGSILSDKNVPYSIKWDNLERIAMEIKNALDYYKNQNKEIKLILVHGGGAFGHPVAKKYLKIEDGKK
IFINMEKGFWEIQRAMRRFNNIIIDTLQSYDIPAVSIQPSSFVVFGDKLIFDTSAIKEMLKRNLVPVIHGDIVIDDKNGY
RIISGDDIVPYLANELKADLILYATDVDGVLIDNKPIKRIDKNNIYKILNYLSGSNSIDVTGGMKYKIEMIRKNKCRGFV
FNGNKANNIYKALLGEVEGTEIDFSE
;
_entity_poly.pdbx_strand_id   A,B
#
loop_
_chem_comp.id
_chem_comp.type
_chem_comp.name
_chem_comp.formula
IS3 non-polymer 'Isopentenyl Diphosphate Beta-S' 'C5 H14 O6 P2 S'
SO4 non-polymer 'SULFATE ION' 'O4 S -2'
#
# COMPACT_ATOMS: atom_id res chain seq x y z
N MET A 7 -3.11 -19.90 -15.18
CA MET A 7 -1.68 -19.55 -15.44
C MET A 7 -1.30 -18.14 -14.88
N LEU A 8 -0.23 -18.06 -14.11
CA LEU A 8 0.16 -16.80 -13.43
C LEU A 8 1.48 -16.25 -13.99
N THR A 9 1.42 -15.03 -14.55
CA THR A 9 2.59 -14.40 -15.13
C THR A 9 2.99 -13.15 -14.32
N ILE A 10 4.29 -12.93 -14.13
CA ILE A 10 4.72 -11.70 -13.42
C ILE A 10 5.56 -10.99 -14.42
N LEU A 11 5.24 -9.72 -14.67
CA LEU A 11 6.00 -8.97 -15.66
C LEU A 11 6.67 -7.85 -14.92
N LYS A 12 7.98 -7.79 -15.02
CA LYS A 12 8.70 -6.78 -14.37
C LYS A 12 9.07 -5.71 -15.34
N LEU A 13 8.57 -4.51 -15.12
CA LEU A 13 8.97 -3.44 -16.02
C LEU A 13 10.33 -2.82 -15.65
N GLY A 14 10.25 -1.98 -14.63
N GLY A 14 10.44 -2.06 -14.59
CA GLY A 14 11.46 -1.31 -14.19
CA GLY A 14 11.85 -1.70 -14.35
C GLY A 14 11.59 0.17 -14.51
C GLY A 14 12.71 -1.49 -15.61
N GLY A 15 11.89 0.92 -13.47
N GLY A 15 13.84 -2.18 -15.73
CA GLY A 15 12.17 2.32 -13.63
CA GLY A 15 14.93 -1.71 -16.64
C GLY A 15 12.69 2.63 -15.00
C GLY A 15 15.13 -0.22 -16.40
N SER A 16 13.85 2.10 -15.39
N SER A 16 15.45 0.57 -17.43
CA SER A 16 14.52 2.45 -16.65
CA SER A 16 15.22 2.02 -17.31
C SER A 16 13.66 2.78 -17.87
C SER A 16 14.25 2.48 -18.40
N ILE A 17 13.16 1.75 -18.52
CA ILE A 17 12.34 1.89 -19.66
C ILE A 17 11.10 2.79 -19.39
N LEU A 18 10.73 3.02 -18.12
CA LEU A 18 9.60 3.85 -17.73
C LEU A 18 10.02 5.24 -17.33
N SER A 19 11.30 5.43 -17.21
CA SER A 19 11.76 6.62 -16.49
C SER A 19 13.27 6.77 -16.62
N ASP A 20 13.68 7.98 -16.94
CA ASP A 20 15.12 8.33 -17.12
C ASP A 20 15.77 8.68 -15.78
N LYS A 21 16.48 7.72 -15.19
CA LYS A 21 16.93 7.99 -13.82
C LYS A 21 17.89 9.18 -13.62
N ASN A 22 18.17 9.93 -14.68
CA ASN A 22 19.02 11.11 -14.55
C ASN A 22 18.18 12.35 -14.63
N VAL A 23 16.92 12.22 -14.94
CA VAL A 23 16.14 13.39 -14.82
C VAL A 23 15.11 13.04 -13.80
N PRO A 24 15.24 13.61 -12.62
CA PRO A 24 14.43 13.17 -11.50
C PRO A 24 12.94 13.48 -11.75
N TYR A 25 12.05 12.71 -11.14
CA TYR A 25 10.61 12.76 -11.42
C TYR A 25 10.21 12.66 -12.89
N SER A 26 11.12 12.21 -13.74
CA SER A 26 10.87 12.07 -15.17
C SER A 26 10.14 10.76 -15.55
N ILE A 27 9.39 10.86 -16.64
CA ILE A 27 8.52 9.81 -17.07
C ILE A 27 8.65 9.73 -18.58
N LYS A 28 8.96 8.55 -19.12
CA LYS A 28 9.01 8.36 -20.55
C LYS A 28 7.60 8.07 -21.00
N TRP A 29 6.83 9.11 -21.24
CA TRP A 29 5.41 8.90 -21.47
C TRP A 29 5.18 7.96 -22.66
N ASP A 30 5.90 8.17 -23.74
CA ASP A 30 5.67 7.45 -24.97
C ASP A 30 5.88 5.94 -24.78
N ASN A 31 6.94 5.59 -24.04
CA ASN A 31 7.29 4.24 -23.90
C ASN A 31 6.25 3.64 -22.96
N LEU A 32 5.85 4.40 -21.96
CA LEU A 32 4.89 3.83 -21.01
C LEU A 32 3.58 3.57 -21.69
N GLU A 33 3.26 4.44 -22.61
CA GLU A 33 1.99 4.33 -23.28
C GLU A 33 2.02 3.15 -24.23
N ARG A 34 3.09 2.96 -24.97
CA ARG A 34 3.11 1.76 -25.78
C ARG A 34 3.04 0.46 -24.96
N ILE A 35 3.63 0.51 -23.77
CA ILE A 35 3.72 -0.66 -22.96
C ILE A 35 2.30 -0.99 -22.51
N ALA A 36 1.54 0.03 -22.14
CA ALA A 36 0.16 -0.32 -21.76
C ALA A 36 -0.57 -0.84 -23.06
N MET A 37 -0.33 -0.27 -24.23
CA MET A 37 -0.95 -0.80 -25.42
C MET A 37 -0.75 -2.30 -25.51
N GLU A 38 0.51 -2.71 -25.40
CA GLU A 38 0.87 -4.08 -25.56
C GLU A 38 0.28 -5.01 -24.51
N ILE A 39 0.29 -4.60 -23.27
CA ILE A 39 -0.35 -5.44 -22.27
C ILE A 39 -1.83 -5.58 -22.51
N LYS A 40 -2.47 -4.50 -22.93
CA LYS A 40 -3.86 -4.56 -23.35
C LYS A 40 -4.00 -5.51 -24.52
N ASN A 41 -3.19 -5.33 -25.56
CA ASN A 41 -3.31 -6.20 -26.73
C ASN A 41 -3.24 -7.65 -26.33
N ALA A 42 -2.35 -7.96 -25.40
CA ALA A 42 -2.20 -9.31 -24.99
C ALA A 42 -3.36 -9.73 -24.10
N LEU A 43 -3.89 -8.84 -23.29
CA LEU A 43 -4.98 -9.34 -22.52
C LEU A 43 -6.08 -9.65 -23.52
N ASP A 44 -6.15 -8.90 -24.60
CA ASP A 44 -7.25 -9.16 -25.51
C ASP A 44 -6.99 -10.51 -26.16
N TYR A 45 -5.81 -10.71 -26.67
CA TYR A 45 -5.52 -11.95 -27.24
C TYR A 45 -5.96 -13.14 -26.35
N TYR A 46 -5.74 -13.09 -25.05
CA TYR A 46 -6.02 -14.27 -24.23
C TYR A 46 -7.51 -14.42 -23.99
N LYS A 47 -8.21 -13.31 -24.03
CA LYS A 47 -9.65 -13.36 -23.87
C LYS A 47 -10.30 -14.01 -25.11
N ASN A 48 -9.72 -13.78 -26.29
CA ASN A 48 -10.22 -14.21 -27.59
C ASN A 48 -9.99 -15.68 -27.84
N GLN A 49 -8.83 -16.15 -27.40
CA GLN A 49 -8.44 -17.52 -27.47
C GLN A 49 -8.84 -18.23 -26.22
N ASN A 50 -9.82 -17.74 -25.49
CA ASN A 50 -10.22 -18.47 -24.30
C ASN A 50 -9.08 -19.14 -23.55
N LYS A 51 -8.07 -18.39 -23.08
CA LYS A 51 -7.14 -18.97 -22.11
C LYS A 51 -7.11 -18.14 -20.82
N GLU A 52 -7.23 -18.80 -19.67
CA GLU A 52 -7.13 -18.13 -18.35
C GLU A 52 -5.73 -17.54 -18.16
N ILE A 53 -5.62 -16.23 -17.91
CA ILE A 53 -4.35 -15.61 -17.46
C ILE A 53 -4.46 -14.74 -16.20
N LYS A 54 -3.66 -15.04 -15.19
CA LYS A 54 -3.48 -14.07 -14.11
C LYS A 54 -2.19 -13.28 -14.35
N LEU A 55 -2.26 -11.95 -14.17
CA LEU A 55 -1.08 -11.06 -14.41
C LEU A 55 -0.78 -10.09 -13.25
N ILE A 56 0.48 -10.09 -12.80
CA ILE A 56 1.04 -9.16 -11.79
C ILE A 56 2.16 -8.31 -12.43
N LEU A 57 2.09 -7.00 -12.27
CA LEU A 57 3.14 -6.12 -12.77
C LEU A 57 3.97 -5.58 -11.60
N VAL A 58 5.24 -5.41 -11.87
CA VAL A 58 6.11 -4.90 -10.86
C VAL A 58 6.93 -3.87 -11.56
N HIS A 59 7.16 -2.78 -10.84
CA HIS A 59 8.01 -1.71 -11.36
C HIS A 59 8.89 -1.10 -10.29
N GLY A 60 10.07 -0.65 -10.70
CA GLY A 60 11.06 -0.08 -9.77
C GLY A 60 10.75 1.36 -9.39
N GLY A 61 11.73 2.02 -8.74
CA GLY A 61 11.57 3.39 -8.27
C GLY A 61 11.85 4.34 -9.36
N GLY A 62 12.75 3.97 -10.26
CA GLY A 62 13.00 4.86 -11.39
C GLY A 62 13.56 6.17 -10.89
N ALA A 63 13.19 7.23 -11.58
CA ALA A 63 13.62 8.55 -11.21
C ALA A 63 12.81 9.04 -10.04
N PHE A 64 12.06 8.20 -9.35
CA PHE A 64 11.19 8.73 -8.28
C PHE A 64 11.71 8.33 -6.95
N GLY A 65 11.84 7.04 -6.72
CA GLY A 65 12.45 6.59 -5.45
C GLY A 65 13.95 6.74 -5.18
N HIS A 66 14.81 6.53 -6.18
CA HIS A 66 16.24 6.58 -5.90
C HIS A 66 16.66 7.96 -5.45
N PRO A 67 16.21 9.01 -6.16
CA PRO A 67 16.71 10.31 -5.78
C PRO A 67 16.16 10.76 -4.47
N VAL A 68 14.92 10.41 -4.15
CA VAL A 68 14.47 10.91 -2.86
C VAL A 68 15.22 10.15 -1.82
N ALA A 69 15.39 8.85 -2.03
CA ALA A 69 16.03 8.00 -0.99
C ALA A 69 17.51 8.38 -0.72
N LYS A 70 18.27 8.74 -1.78
CA LYS A 70 19.69 9.00 -1.63
C LYS A 70 19.87 10.04 -0.53
N LYS A 71 18.98 11.06 -0.48
CA LYS A 71 19.04 12.08 0.55
C LYS A 71 18.99 11.56 1.99
N TYR A 72 18.56 10.32 2.20
CA TYR A 72 18.35 9.86 3.55
C TYR A 72 19.26 8.68 3.83
N LEU A 73 20.18 8.43 2.90
CA LEU A 73 21.21 7.42 3.10
C LEU A 73 22.57 8.01 3.41
N LYS A 74 23.32 7.31 4.25
CA LYS A 74 24.69 7.72 4.55
C LYS A 74 25.46 6.43 4.73
N ILE A 75 26.78 6.50 4.52
CA ILE A 75 27.66 5.35 4.79
C ILE A 75 28.29 5.56 6.19
N GLU A 76 28.16 4.58 7.07
CA GLU A 76 28.69 4.72 8.41
C GLU A 76 29.50 3.48 8.72
N ASP A 77 30.81 3.67 8.92
CA ASP A 77 31.67 2.53 9.21
C ASP A 77 31.54 1.53 8.05
N GLY A 78 31.68 2.07 6.83
CA GLY A 78 31.57 1.26 5.61
C GLY A 78 30.25 0.48 5.64
N LYS A 79 29.16 1.18 5.32
CA LYS A 79 27.83 0.58 5.45
C LYS A 79 26.70 1.58 5.16
N LYS A 80 25.53 0.99 4.95
CA LYS A 80 24.38 1.70 4.46
C LYS A 80 23.57 1.95 5.69
N ILE A 81 23.23 3.19 5.97
CA ILE A 81 22.27 3.38 7.06
C ILE A 81 21.31 4.49 6.70
N PHE A 82 20.03 4.34 7.03
CA PHE A 82 19.02 5.40 6.72
C PHE A 82 18.92 6.35 7.90
N ILE A 83 18.85 7.64 7.64
CA ILE A 83 18.70 8.57 8.74
C ILE A 83 17.51 9.55 8.55
N ASN A 84 17.09 10.23 9.61
CA ASN A 84 16.06 11.23 9.47
C ASN A 84 14.76 10.64 8.84
N MET A 85 14.49 9.38 9.15
CA MET A 85 13.36 8.66 8.57
C MET A 85 11.96 9.17 9.08
N GLU A 86 11.99 10.10 10.04
CA GLU A 86 10.78 10.76 10.50
C GLU A 86 10.34 11.73 9.45
N LYS A 87 11.21 12.04 8.51
CA LYS A 87 10.78 12.78 7.37
C LYS A 87 10.90 11.86 6.17
N GLY A 88 11.88 10.98 6.21
CA GLY A 88 12.31 10.31 5.02
C GLY A 88 11.45 9.13 4.59
N PHE A 89 10.80 8.44 5.53
CA PHE A 89 9.91 7.34 5.16
C PHE A 89 8.74 7.91 4.33
N TRP A 90 8.15 8.99 4.79
CA TRP A 90 7.04 9.55 4.04
C TRP A 90 7.48 10.15 2.71
N GLU A 91 8.66 10.73 2.70
CA GLU A 91 9.16 11.39 1.46
C GLU A 91 9.36 10.41 0.30
N ILE A 92 9.86 9.25 0.65
CA ILE A 92 10.02 8.17 -0.28
C ILE A 92 8.71 7.51 -0.66
N GLN A 93 7.89 7.20 0.32
CA GLN A 93 6.53 6.71 0.02
C GLN A 93 5.80 7.65 -0.94
N ARG A 94 5.87 8.94 -0.65
CA ARG A 94 5.08 9.87 -1.43
C ARG A 94 5.57 9.87 -2.89
N ALA A 95 6.91 9.78 -3.09
CA ALA A 95 7.48 9.81 -4.46
C ALA A 95 7.07 8.59 -5.22
N MET A 96 7.10 7.42 -4.53
CA MET A 96 6.68 6.14 -5.13
C MET A 96 5.16 6.09 -5.42
N ARG A 97 4.33 6.53 -4.49
CA ARG A 97 2.93 6.75 -4.75
C ARG A 97 2.63 7.54 -6.05
N ARG A 98 3.36 8.61 -6.29
CA ARG A 98 3.10 9.42 -7.44
C ARG A 98 3.41 8.62 -8.69
N PHE A 99 4.52 7.91 -8.68
CA PHE A 99 4.93 7.18 -9.87
C PHE A 99 3.97 5.96 -10.06
N ASN A 100 3.57 5.29 -8.98
CA ASN A 100 2.51 4.24 -9.03
C ASN A 100 1.21 4.83 -9.66
N ASN A 101 0.81 6.02 -9.24
CA ASN A 101 -0.40 6.64 -9.81
C ASN A 101 -0.23 6.85 -11.31
N ILE A 102 0.94 7.31 -11.73
CA ILE A 102 1.07 7.66 -13.12
C ILE A 102 0.94 6.37 -13.97
N ILE A 103 1.59 5.33 -13.51
CA ILE A 103 1.56 4.04 -14.19
C ILE A 103 0.21 3.42 -14.19
N ILE A 104 -0.41 3.37 -13.03
CA ILE A 104 -1.75 2.85 -12.98
C ILE A 104 -2.79 3.68 -13.75
N ASP A 105 -2.75 5.02 -13.70
CA ASP A 105 -3.74 5.76 -14.50
C ASP A 105 -3.51 5.45 -15.97
N THR A 106 -2.25 5.30 -16.42
CA THR A 106 -2.05 5.02 -17.83
C THR A 106 -2.57 3.62 -18.13
N LEU A 107 -2.29 2.63 -17.31
CA LEU A 107 -2.80 1.28 -17.62
C LEU A 107 -4.33 1.34 -17.71
N GLN A 108 -4.94 1.89 -16.66
CA GLN A 108 -6.36 2.10 -16.68
C GLN A 108 -6.87 2.79 -17.95
N SER A 109 -6.19 3.80 -18.47
CA SER A 109 -6.70 4.46 -19.65
C SER A 109 -6.65 3.52 -20.88
N TYR A 110 -6.20 2.28 -20.74
CA TYR A 110 -6.34 1.32 -21.85
C TYR A 110 -7.19 0.22 -21.39
N ASP A 111 -7.97 0.50 -20.36
CA ASP A 111 -8.84 -0.52 -19.70
C ASP A 111 -8.17 -1.77 -19.21
N ILE A 112 -6.96 -1.63 -18.69
CA ILE A 112 -6.35 -2.65 -17.91
C ILE A 112 -6.81 -2.45 -16.48
N PRO A 113 -7.39 -3.45 -15.87
CA PRO A 113 -7.90 -3.29 -14.51
C PRO A 113 -6.77 -3.25 -13.47
N ALA A 114 -5.92 -2.24 -13.54
CA ALA A 114 -4.73 -2.28 -12.67
C ALA A 114 -5.17 -1.80 -11.32
N VAL A 115 -4.67 -2.38 -10.24
CA VAL A 115 -4.79 -1.77 -8.88
C VAL A 115 -3.43 -1.64 -8.15
N SER A 116 -3.40 -0.86 -7.08
CA SER A 116 -2.16 -0.55 -6.39
C SER A 116 -1.89 -1.42 -5.18
N ILE A 117 -0.71 -2.03 -5.17
CA ILE A 117 -0.13 -2.62 -3.96
C ILE A 117 1.12 -1.82 -3.43
N GLN A 118 1.04 -1.27 -2.22
CA GLN A 118 2.05 -0.41 -1.63
C GLN A 118 2.77 -1.16 -0.49
N PRO A 119 3.95 -1.70 -0.77
CA PRO A 119 4.56 -2.55 0.24
C PRO A 119 4.90 -1.79 1.51
N SER A 120 5.22 -0.50 1.40
CA SER A 120 5.65 0.20 2.57
C SER A 120 4.69 0.06 3.76
N SER A 121 3.41 -0.15 3.46
CA SER A 121 2.39 -0.14 4.47
C SER A 121 2.34 -1.51 5.21
N PHE A 122 2.94 -2.55 4.69
CA PHE A 122 2.74 -3.85 5.37
C PHE A 122 3.84 -4.86 5.27
N VAL A 123 4.83 -4.62 4.42
CA VAL A 123 5.92 -5.55 4.32
C VAL A 123 6.99 -5.24 5.39
N VAL A 124 7.44 -6.28 6.09
CA VAL A 124 8.57 -6.08 6.99
C VAL A 124 9.75 -6.84 6.42
N PHE A 125 10.84 -6.15 6.17
CA PHE A 125 12.05 -6.75 5.59
C PHE A 125 13.03 -7.44 6.60
N GLY A 126 13.07 -8.78 6.61
CA GLY A 126 14.08 -9.47 7.43
C GLY A 126 14.84 -10.50 6.63
N ASP A 127 15.38 -11.53 7.28
CA ASP A 127 16.03 -12.62 6.56
C ASP A 127 14.98 -13.32 5.71
N LYS A 128 13.77 -13.40 6.23
CA LYS A 128 12.65 -13.75 5.41
C LYS A 128 11.74 -12.52 5.37
N LEU A 129 11.15 -12.25 4.21
CA LEU A 129 10.12 -11.24 4.10
C LEU A 129 8.92 -11.57 4.97
N ILE A 130 8.32 -10.56 5.56
CA ILE A 130 6.92 -10.67 5.98
C ILE A 130 6.11 -9.83 4.96
N PHE A 131 5.17 -10.48 4.28
CA PHE A 131 4.62 -9.95 3.06
C PHE A 131 3.48 -10.85 2.81
N ASP A 132 2.38 -10.50 3.45
CA ASP A 132 1.16 -11.23 3.31
C ASP A 132 0.52 -11.01 1.95
N THR A 133 0.41 -12.09 1.17
CA THR A 133 -0.17 -12.03 -0.17
C THR A 133 -1.63 -12.44 -0.28
N SER A 134 -2.35 -12.40 0.84
CA SER A 134 -3.75 -12.77 0.81
C SER A 134 -4.54 -11.88 -0.14
N ALA A 135 -4.44 -10.56 0.01
CA ALA A 135 -5.27 -9.71 -0.80
C ALA A 135 -5.00 -9.86 -2.29
N ILE A 136 -3.73 -9.95 -2.66
CA ILE A 136 -3.35 -10.14 -4.03
C ILE A 136 -4.05 -11.35 -4.62
N LYS A 137 -3.94 -12.52 -3.95
CA LYS A 137 -4.64 -13.72 -4.43
C LYS A 137 -6.10 -13.40 -4.70
N GLU A 138 -6.75 -12.66 -3.81
CA GLU A 138 -8.14 -12.33 -4.05
C GLU A 138 -8.31 -11.39 -5.24
N MET A 139 -7.29 -10.58 -5.55
CA MET A 139 -7.43 -9.68 -6.72
C MET A 139 -7.29 -10.48 -8.00
N LEU A 140 -6.32 -11.35 -7.98
CA LEU A 140 -6.08 -12.16 -9.14
C LEU A 140 -7.32 -13.05 -9.34
N LYS A 141 -7.83 -13.55 -8.24
CA LYS A 141 -8.99 -14.38 -8.34
C LYS A 141 -10.17 -13.60 -8.99
N ARG A 142 -10.18 -12.25 -8.88
CA ARG A 142 -11.25 -11.49 -9.55
C ARG A 142 -10.80 -10.88 -10.85
N ASN A 143 -9.71 -11.39 -11.39
CA ASN A 143 -9.27 -10.80 -12.61
C ASN A 143 -8.76 -9.36 -12.55
N LEU A 144 -8.52 -8.83 -11.35
CA LEU A 144 -7.82 -7.54 -11.24
C LEU A 144 -6.37 -7.75 -11.61
N VAL A 145 -5.70 -6.68 -12.04
CA VAL A 145 -4.25 -6.68 -12.28
C VAL A 145 -3.42 -5.88 -11.21
N PRO A 146 -2.77 -6.60 -10.23
CA PRO A 146 -2.04 -5.95 -9.16
C PRO A 146 -0.76 -5.36 -9.67
N VAL A 147 -0.52 -4.09 -9.33
CA VAL A 147 0.68 -3.38 -9.69
C VAL A 147 1.41 -3.05 -8.36
N ILE A 148 2.54 -3.74 -8.18
CA ILE A 148 3.37 -3.67 -7.01
C ILE A 148 4.66 -2.97 -7.38
N HIS A 149 5.20 -2.20 -6.44
CA HIS A 149 6.36 -1.38 -6.72
C HIS A 149 7.48 -1.40 -5.67
N GLY A 150 8.69 -1.13 -6.12
CA GLY A 150 9.76 -0.89 -5.18
C GLY A 150 9.30 0.15 -4.15
N ASP A 151 9.72 -0.02 -2.88
CA ASP A 151 9.32 0.93 -1.88
C ASP A 151 10.33 0.93 -0.71
N ILE A 152 10.13 1.89 0.17
CA ILE A 152 10.75 1.85 1.48
C ILE A 152 9.94 0.95 2.43
N VAL A 153 10.64 0.13 3.18
CA VAL A 153 10.04 -0.60 4.29
C VAL A 153 10.93 -0.59 5.53
N ILE A 154 10.32 -0.83 6.69
CA ILE A 154 11.06 -1.05 7.92
C ILE A 154 11.63 -2.49 7.89
N ASP A 155 12.63 -2.74 8.74
CA ASP A 155 13.15 -4.10 8.89
C ASP A 155 12.84 -4.55 10.27
N ASP A 156 13.37 -5.72 10.64
CA ASP A 156 13.12 -6.18 11.97
C ASP A 156 14.37 -5.98 12.83
N LYS A 157 15.20 -5.02 12.45
CA LYS A 157 16.42 -4.74 13.18
C LYS A 157 16.54 -3.24 13.45
N ASN A 158 15.50 -2.63 14.02
CA ASN A 158 15.63 -1.20 14.27
C ASN A 158 16.03 -0.30 13.07
N GLY A 159 16.02 -0.80 11.83
CA GLY A 159 16.46 0.06 10.69
C GLY A 159 15.44 0.11 9.54
N TYR A 160 15.93 0.18 8.30
CA TYR A 160 15.02 0.29 7.15
C TYR A 160 15.65 -0.33 5.92
N ARG A 161 14.83 -0.66 4.93
CA ARG A 161 15.37 -1.12 3.65
C ARG A 161 14.53 -0.69 2.44
N ILE A 162 15.24 -0.48 1.34
CA ILE A 162 14.58 -0.42 0.08
C ILE A 162 14.27 -1.82 -0.36
N ILE A 163 13.01 -2.21 -0.41
CA ILE A 163 12.63 -3.43 -1.17
C ILE A 163 12.54 -3.12 -2.70
N SER A 164 13.20 -3.89 -3.52
CA SER A 164 13.16 -3.58 -4.95
C SER A 164 12.35 -4.60 -5.63
N GLY A 165 12.22 -4.39 -6.93
CA GLY A 165 11.56 -5.29 -7.83
C GLY A 165 12.30 -6.62 -7.77
N ASP A 166 13.63 -6.54 -7.71
CA ASP A 166 14.47 -7.76 -7.56
C ASP A 166 14.19 -8.62 -6.33
N ASP A 167 13.91 -7.99 -5.19
CA ASP A 167 13.31 -8.75 -4.07
C ASP A 167 11.85 -9.16 -4.30
N ILE A 168 11.04 -8.27 -4.87
CA ILE A 168 9.64 -8.52 -4.87
C ILE A 168 9.27 -9.74 -5.73
N VAL A 169 9.90 -9.85 -6.89
CA VAL A 169 9.46 -10.80 -7.91
C VAL A 169 9.68 -12.28 -7.45
N PRO A 170 10.93 -12.63 -7.07
CA PRO A 170 11.24 -13.97 -6.54
C PRO A 170 10.30 -14.27 -5.40
N TYR A 171 10.24 -13.38 -4.44
CA TYR A 171 9.28 -13.61 -3.40
C TYR A 171 7.91 -13.96 -3.92
N LEU A 172 7.42 -13.26 -4.92
CA LEU A 172 6.04 -13.55 -5.31
C LEU A 172 5.98 -14.81 -6.19
N ALA A 173 7.02 -15.01 -7.00
CA ALA A 173 7.13 -16.18 -7.87
C ALA A 173 6.91 -17.42 -7.01
N ASN A 174 7.61 -17.40 -5.89
CA ASN A 174 7.58 -18.49 -4.98
C ASN A 174 6.26 -18.50 -4.27
N GLU A 175 5.94 -17.41 -3.60
CA GLU A 175 4.72 -17.39 -2.85
C GLU A 175 3.47 -17.69 -3.66
N LEU A 176 3.48 -17.40 -4.95
CA LEU A 176 2.21 -17.57 -5.64
C LEU A 176 2.29 -18.69 -6.68
N LYS A 177 3.45 -19.34 -6.79
CA LYS A 177 3.62 -20.42 -7.74
C LYS A 177 3.50 -19.87 -9.12
N ALA A 178 4.39 -18.98 -9.53
CA ALA A 178 4.20 -18.41 -10.84
C ALA A 178 4.71 -19.35 -11.88
N ASP A 179 4.22 -19.26 -13.10
CA ASP A 179 4.72 -20.06 -14.19
C ASP A 179 5.69 -19.33 -15.07
N LEU A 180 5.44 -18.02 -15.23
CA LEU A 180 6.21 -17.22 -16.17
C LEU A 180 6.67 -15.90 -15.57
N ILE A 181 7.93 -15.61 -15.77
CA ILE A 181 8.56 -14.46 -15.20
C ILE A 181 9.09 -13.75 -16.39
N LEU A 182 8.67 -12.51 -16.53
CA LEU A 182 9.11 -11.73 -17.62
C LEU A 182 9.94 -10.57 -17.09
N TYR A 183 11.14 -10.40 -17.60
CA TYR A 183 11.96 -9.29 -17.21
C TYR A 183 12.13 -8.34 -18.36
N ALA A 184 11.34 -7.28 -18.44
CA ALA A 184 11.60 -6.33 -19.49
C ALA A 184 12.74 -5.40 -19.06
N THR A 185 13.80 -5.31 -19.87
CA THR A 185 14.98 -4.56 -19.48
C THR A 185 15.36 -3.66 -20.62
N ASP A 186 16.51 -3.00 -20.50
CA ASP A 186 17.07 -2.11 -21.51
C ASP A 186 17.97 -2.83 -22.50
N VAL A 187 18.13 -4.14 -22.36
CA VAL A 187 19.00 -4.86 -23.30
C VAL A 187 18.29 -6.06 -23.93
N ASP A 188 18.85 -6.58 -24.99
CA ASP A 188 18.17 -7.65 -25.70
C ASP A 188 18.15 -9.02 -25.07
N GLY A 189 18.94 -9.26 -24.03
CA GLY A 189 18.92 -10.57 -23.36
C GLY A 189 20.08 -10.69 -22.38
N VAL A 190 20.32 -11.88 -21.84
CA VAL A 190 21.60 -12.16 -21.18
C VAL A 190 22.65 -12.18 -22.25
N LEU A 191 23.56 -11.22 -22.24
CA LEU A 191 24.51 -11.10 -23.36
C LEU A 191 25.83 -11.88 -23.16
N ILE A 192 26.16 -12.72 -24.14
CA ILE A 192 27.44 -13.40 -24.18
C ILE A 192 28.08 -13.05 -25.49
N ASP A 193 28.97 -12.07 -25.49
CA ASP A 193 29.58 -11.60 -26.72
C ASP A 193 28.65 -10.61 -27.39
N ASN A 194 28.14 -9.67 -26.58
CA ASN A 194 27.26 -8.65 -27.13
C ASN A 194 26.21 -9.34 -28.02
N LYS A 195 25.59 -10.39 -27.50
CA LYS A 195 24.64 -11.16 -28.25
C LYS A 195 23.90 -12.01 -27.29
N PRO A 196 22.58 -11.87 -27.25
CA PRO A 196 21.70 -12.58 -26.31
C PRO A 196 21.76 -14.06 -26.52
N ILE A 197 21.85 -14.83 -25.45
CA ILE A 197 21.88 -16.24 -25.63
C ILE A 197 20.46 -16.79 -25.67
N LYS A 198 20.17 -17.64 -26.63
CA LYS A 198 18.81 -18.07 -26.81
C LYS A 198 18.26 -18.80 -25.63
N ARG A 199 19.00 -19.78 -25.14
CA ARG A 199 18.45 -20.59 -24.05
C ARG A 199 19.42 -20.82 -22.87
N ILE A 200 18.88 -20.82 -21.65
CA ILE A 200 19.64 -21.20 -20.50
C ILE A 200 18.79 -22.13 -19.67
N ASP A 201 19.33 -23.33 -19.43
CA ASP A 201 18.69 -24.43 -18.67
C ASP A 201 19.76 -25.29 -17.95
N LYS A 202 19.29 -26.40 -17.36
CA LYS A 202 20.15 -27.21 -16.46
C LYS A 202 21.40 -27.84 -17.12
N ASN A 203 21.63 -27.56 -18.38
CA ASN A 203 22.77 -28.06 -19.07
C ASN A 203 23.71 -26.96 -19.50
N ASN A 204 23.45 -25.74 -19.06
CA ASN A 204 24.47 -24.71 -19.30
C ASN A 204 24.55 -23.60 -18.23
N ILE A 205 23.83 -23.74 -17.14
CA ILE A 205 23.67 -22.57 -16.34
C ILE A 205 25.03 -22.20 -15.70
N TYR A 206 25.53 -23.08 -14.85
CA TYR A 206 26.88 -22.90 -14.36
C TYR A 206 27.80 -22.43 -15.48
N LYS A 207 27.77 -23.04 -16.64
CA LYS A 207 28.71 -22.52 -17.64
C LYS A 207 28.46 -21.01 -17.87
N ILE A 208 27.18 -20.62 -17.85
CA ILE A 208 26.77 -19.25 -18.11
C ILE A 208 27.06 -18.38 -16.88
N LEU A 209 26.64 -18.82 -15.70
CA LEU A 209 27.03 -18.12 -14.48
C LEU A 209 28.55 -17.85 -14.37
N ASN A 210 29.42 -18.79 -14.72
CA ASN A 210 30.83 -18.42 -14.63
C ASN A 210 31.17 -17.43 -15.67
N TYR A 211 30.62 -17.59 -16.87
CA TYR A 211 31.03 -16.65 -17.91
C TYR A 211 30.61 -15.23 -17.49
N LEU A 212 29.54 -15.15 -16.69
CA LEU A 212 29.04 -13.85 -16.28
C LEU A 212 29.93 -13.22 -15.21
N SER A 213 30.61 -14.03 -14.42
CA SER A 213 31.52 -13.52 -13.38
C SER A 213 32.82 -13.05 -13.96
N GLY A 214 33.06 -13.33 -15.23
CA GLY A 214 34.34 -13.05 -15.86
C GLY A 214 34.53 -11.64 -16.41
N SER A 215 35.64 -11.40 -17.13
CA SER A 215 36.03 -10.05 -17.62
C SER A 215 35.55 -9.71 -19.05
N ASN A 216 35.05 -10.72 -19.77
CA ASN A 216 34.47 -10.50 -21.09
C ASN A 216 32.95 -10.29 -21.04
N SER A 217 32.41 -10.22 -19.83
CA SER A 217 30.97 -10.13 -19.62
C SER A 217 30.53 -8.67 -19.65
N ILE A 218 29.65 -8.36 -20.60
CA ILE A 218 29.09 -6.99 -20.78
C ILE A 218 28.25 -6.47 -19.58
N ASP A 219 27.58 -7.35 -18.83
CA ASP A 219 27.01 -6.99 -17.53
C ASP A 219 27.87 -7.48 -16.34
N VAL A 220 28.47 -6.56 -15.60
CA VAL A 220 29.30 -6.97 -14.46
C VAL A 220 28.71 -6.59 -13.12
N THR A 221 27.46 -6.14 -13.13
CA THR A 221 26.77 -5.77 -11.89
C THR A 221 26.21 -7.02 -11.23
N GLY A 222 26.26 -8.12 -11.97
CA GLY A 222 25.65 -9.39 -11.58
C GLY A 222 24.12 -9.36 -11.50
N GLY A 223 23.49 -8.45 -12.24
CA GLY A 223 22.06 -8.39 -12.26
C GLY A 223 21.47 -9.60 -13.02
N MET A 224 22.02 -9.91 -14.17
CA MET A 224 21.56 -11.07 -14.86
C MET A 224 21.61 -12.30 -13.93
N LYS A 225 22.80 -12.52 -13.31
CA LYS A 225 23.03 -13.70 -12.50
C LYS A 225 21.97 -13.90 -11.47
N TYR A 226 21.59 -12.84 -10.82
CA TYR A 226 20.65 -13.00 -9.76
C TYR A 226 19.30 -13.51 -10.35
N LYS A 227 19.01 -13.10 -11.58
CA LYS A 227 17.68 -13.33 -12.14
C LYS A 227 17.63 -14.78 -12.57
N ILE A 228 18.68 -15.20 -13.29
CA ILE A 228 18.83 -16.57 -13.71
C ILE A 228 18.64 -17.52 -12.54
N GLU A 229 19.19 -17.14 -11.38
CA GLU A 229 19.24 -18.00 -10.22
C GLU A 229 17.93 -18.18 -9.48
N MET A 230 17.17 -17.10 -9.43
CA MET A 230 15.83 -17.11 -8.86
C MET A 230 14.88 -18.01 -9.69
N ILE A 231 15.07 -18.03 -11.00
CA ILE A 231 14.26 -18.85 -11.86
C ILE A 231 14.54 -20.32 -11.63
N ARG A 232 15.81 -20.68 -11.52
CA ARG A 232 16.15 -22.03 -11.22
C ARG A 232 15.68 -22.30 -9.82
N LYS A 233 15.84 -21.35 -8.95
CA LYS A 233 15.41 -21.60 -7.58
C LYS A 233 13.92 -21.76 -7.42
N ASN A 234 13.13 -21.18 -8.31
CA ASN A 234 11.68 -21.43 -8.22
C ASN A 234 11.17 -22.44 -9.24
N LYS A 235 12.08 -23.02 -10.02
CA LYS A 235 11.71 -24.13 -10.89
C LYS A 235 10.68 -23.74 -11.98
N CYS A 236 10.78 -22.51 -12.48
CA CYS A 236 9.89 -22.11 -13.56
C CYS A 236 10.59 -21.63 -14.80
N ARG A 237 9.91 -20.68 -15.44
CA ARG A 237 10.41 -20.17 -16.71
C ARG A 237 10.44 -18.66 -16.76
N GLY A 238 11.33 -18.08 -17.52
CA GLY A 238 11.42 -16.67 -17.50
C GLY A 238 12.06 -16.19 -18.78
N PHE A 239 11.77 -14.94 -19.13
CA PHE A 239 12.43 -14.36 -20.30
C PHE A 239 13.03 -13.04 -19.89
N VAL A 240 14.19 -12.72 -20.46
CA VAL A 240 14.82 -11.48 -20.23
C VAL A 240 14.91 -10.88 -21.60
N PHE A 241 14.30 -9.68 -21.81
CA PHE A 241 14.17 -9.15 -23.19
C PHE A 241 14.26 -7.65 -23.25
N ASN A 242 14.47 -7.07 -24.42
CA ASN A 242 14.54 -5.64 -24.48
C ASN A 242 13.14 -5.02 -24.44
N GLY A 243 12.84 -4.22 -23.44
CA GLY A 243 11.48 -3.77 -23.23
C GLY A 243 11.27 -2.44 -23.92
N ASN A 244 12.27 -1.99 -24.68
CA ASN A 244 12.14 -0.78 -25.45
C ASN A 244 11.72 -1.11 -26.89
N LYS A 245 11.60 -2.38 -27.23
CA LYS A 245 11.41 -2.65 -28.65
C LYS A 245 9.95 -2.90 -28.93
N ALA A 246 9.37 -2.27 -29.96
CA ALA A 246 7.93 -2.46 -30.25
C ALA A 246 7.51 -3.97 -30.34
N ASN A 247 6.40 -4.31 -29.69
CA ASN A 247 5.89 -5.71 -29.60
C ASN A 247 6.65 -6.75 -28.77
N ASN A 248 7.77 -6.39 -28.18
CA ASN A 248 8.40 -7.39 -27.30
C ASN A 248 7.53 -7.67 -26.09
N ILE A 249 6.86 -6.67 -25.54
CA ILE A 249 6.12 -6.95 -24.33
C ILE A 249 4.93 -7.81 -24.67
N TYR A 250 4.31 -7.49 -25.80
CA TYR A 250 3.17 -8.26 -26.29
C TYR A 250 3.65 -9.72 -26.50
N LYS A 251 4.71 -9.88 -27.24
CA LYS A 251 5.23 -11.23 -27.47
C LYS A 251 5.56 -11.97 -26.21
N ALA A 252 6.39 -11.32 -25.40
CA ALA A 252 6.78 -11.92 -24.15
C ALA A 252 5.55 -12.40 -23.45
N LEU A 253 4.49 -11.60 -23.44
CA LEU A 253 3.35 -12.00 -22.66
C LEU A 253 2.69 -13.18 -23.35
N LEU A 254 2.92 -13.38 -24.66
CA LEU A 254 2.31 -14.54 -25.31
C LEU A 254 3.18 -15.77 -25.15
N GLY A 255 4.39 -15.62 -24.62
CA GLY A 255 5.24 -16.75 -24.43
C GLY A 255 6.29 -16.88 -25.52
N GLU A 256 6.60 -15.80 -26.20
CA GLU A 256 7.38 -15.95 -27.39
C GLU A 256 8.29 -14.78 -27.73
N VAL A 257 8.56 -13.88 -26.81
CA VAL A 257 9.44 -12.79 -27.27
C VAL A 257 10.77 -13.42 -27.60
N GLU A 258 11.61 -12.69 -28.31
CA GLU A 258 12.92 -13.18 -28.64
C GLU A 258 14.01 -12.43 -27.88
N GLY A 259 14.45 -13.00 -26.76
CA GLY A 259 15.64 -12.53 -26.04
C GLY A 259 16.36 -13.76 -25.50
N THR A 260 16.37 -13.91 -24.19
CA THR A 260 16.97 -15.10 -23.61
C THR A 260 15.87 -15.74 -22.87
N GLU A 261 15.65 -17.02 -23.07
CA GLU A 261 14.70 -17.76 -22.28
C GLU A 261 15.48 -18.49 -21.16
N ILE A 262 14.88 -18.65 -20.00
CA ILE A 262 15.55 -19.29 -18.95
C ILE A 262 14.60 -20.32 -18.48
N ASP A 263 15.01 -21.58 -18.40
CA ASP A 263 13.98 -22.57 -18.13
C ASP A 263 14.31 -23.67 -17.15
N PHE A 264 13.58 -23.68 -16.05
CA PHE A 264 13.77 -24.68 -15.03
C PHE A 264 12.45 -25.18 -14.51
N SER A 265 11.45 -25.16 -15.39
CA SER A 265 10.11 -25.72 -15.10
C SER A 265 10.13 -27.25 -15.27
N GLU A 266 9.27 -27.91 -14.51
CA GLU A 266 9.32 -29.39 -14.32
C GLU A 266 10.39 -29.77 -13.30
N MET B 7 0.85 3.17 26.92
CA MET B 7 1.79 4.14 26.30
C MET B 7 1.41 4.30 24.81
N LEU B 8 0.42 3.51 24.37
CA LEU B 8 -0.10 3.56 23.01
C LEU B 8 -1.51 4.15 22.87
N THR B 9 -1.64 5.28 22.18
CA THR B 9 -2.97 5.84 21.95
C THR B 9 -3.38 5.82 20.50
N ILE B 10 -4.69 5.70 20.25
CA ILE B 10 -5.27 5.71 18.91
C ILE B 10 -6.34 6.75 18.67
N LEU B 11 -6.12 7.67 17.73
CA LEU B 11 -7.03 8.77 17.49
C LEU B 11 -7.67 8.63 16.13
N LYS B 12 -8.99 8.54 16.11
CA LYS B 12 -9.69 8.54 14.86
C LYS B 12 -10.15 9.94 14.60
N LEU B 13 -10.10 10.35 13.33
CA LEU B 13 -10.60 11.67 13.03
C LEU B 13 -11.75 11.53 12.07
N GLY B 14 -12.93 11.88 12.54
CA GLY B 14 -14.14 11.80 11.72
C GLY B 14 -13.89 12.47 10.39
N GLY B 15 -14.24 11.79 9.29
CA GLY B 15 -14.07 12.34 7.94
C GLY B 15 -14.83 13.66 7.89
N SER B 16 -15.89 13.68 8.71
CA SER B 16 -16.76 14.86 8.97
C SER B 16 -16.08 16.13 9.54
N ILE B 17 -15.07 15.97 10.38
CA ILE B 17 -14.37 17.14 10.88
C ILE B 17 -13.19 17.48 9.93
N LEU B 18 -12.92 16.68 8.89
CA LEU B 18 -11.79 16.97 7.99
C LEU B 18 -12.29 17.36 6.64
N SER B 19 -13.57 17.18 6.43
CA SER B 19 -14.10 17.20 5.12
C SER B 19 -15.51 17.75 5.32
N ASP B 20 -16.18 18.09 4.24
CA ASP B 20 -17.56 18.49 4.36
C ASP B 20 -18.29 17.50 3.54
N LYS B 21 -19.15 16.73 4.17
CA LYS B 21 -19.61 15.48 3.56
C LYS B 21 -20.55 15.75 2.39
N ASN B 22 -21.02 16.98 2.28
CA ASN B 22 -21.85 17.37 1.13
C ASN B 22 -21.10 18.06 0.01
N VAL B 23 -19.84 18.41 0.23
CA VAL B 23 -19.03 18.92 -0.85
C VAL B 23 -17.93 17.91 -1.22
N PRO B 24 -18.27 17.09 -2.22
CA PRO B 24 -17.44 16.07 -2.84
C PRO B 24 -16.07 16.70 -3.17
N TYR B 25 -15.00 16.11 -2.67
CA TYR B 25 -13.64 16.69 -2.76
C TYR B 25 -13.31 17.86 -1.84
N SER B 26 -14.11 18.19 -0.87
CA SER B 26 -13.78 19.38 -0.14
C SER B 26 -12.81 18.95 0.90
N ILE B 27 -12.06 19.89 1.44
CA ILE B 27 -11.19 19.67 2.55
C ILE B 27 -11.42 20.83 3.48
N LYS B 28 -11.47 20.56 4.77
CA LYS B 28 -11.61 21.62 5.77
C LYS B 28 -10.23 22.05 6.27
N TRP B 29 -9.60 23.02 5.59
CA TRP B 29 -8.17 23.29 5.85
C TRP B 29 -7.84 23.86 7.21
N ASP B 30 -8.54 24.91 7.62
CA ASP B 30 -8.24 25.47 8.94
C ASP B 30 -8.40 24.37 9.94
N ASN B 31 -9.48 23.64 9.80
CA ASN B 31 -9.73 22.59 10.78
C ASN B 31 -8.64 21.51 10.76
N LEU B 32 -8.29 21.09 9.56
CA LEU B 32 -7.20 20.15 9.37
C LEU B 32 -5.92 20.69 9.98
N GLU B 33 -5.69 21.98 9.82
CA GLU B 33 -4.41 22.57 10.32
C GLU B 33 -4.38 22.78 11.84
N ARG B 34 -5.49 23.30 12.34
CA ARG B 34 -5.69 23.36 13.77
C ARG B 34 -5.44 21.97 14.40
N ILE B 35 -5.97 20.93 13.76
CA ILE B 35 -5.90 19.61 14.38
C ILE B 35 -4.51 19.05 14.39
N ALA B 36 -3.79 19.24 13.27
CA ALA B 36 -2.41 18.74 13.24
C ALA B 36 -1.66 19.47 14.33
N MET B 37 -2.00 20.73 14.54
CA MET B 37 -1.26 21.50 15.54
C MET B 37 -1.43 21.01 16.96
N GLU B 38 -2.68 20.78 17.37
CA GLU B 38 -2.92 20.24 18.70
C GLU B 38 -2.25 18.89 18.88
N ILE B 39 -2.18 18.08 17.83
CA ILE B 39 -1.55 16.78 18.05
C ILE B 39 -0.02 16.97 18.31
N LYS B 40 0.58 17.89 17.58
CA LYS B 40 1.98 18.22 17.75
C LYS B 40 2.21 18.76 19.18
N ASN B 41 1.44 19.78 19.55
CA ASN B 41 1.50 20.23 20.96
C ASN B 41 1.37 19.03 21.93
N ALA B 42 0.45 18.14 21.64
CA ALA B 42 0.35 16.98 22.49
C ALA B 42 1.63 16.11 22.49
N LEU B 43 2.08 15.65 21.32
CA LEU B 43 3.30 14.88 21.32
C LEU B 43 4.37 15.69 22.06
N ASP B 44 4.44 17.01 21.83
CA ASP B 44 5.41 17.79 22.55
C ASP B 44 5.19 17.74 24.09
N TYR B 45 3.98 18.03 24.57
CA TYR B 45 3.79 17.94 26.01
C TYR B 45 4.48 16.64 26.56
N TYR B 46 4.14 15.46 26.04
CA TYR B 46 4.78 14.20 26.50
C TYR B 46 6.29 14.11 26.32
N LYS B 47 6.80 14.79 25.30
CA LYS B 47 8.22 14.82 25.05
C LYS B 47 8.94 15.30 26.32
N ASN B 48 8.52 16.45 26.86
CA ASN B 48 9.06 16.97 28.14
C ASN B 48 8.94 16.02 29.31
N GLN B 49 7.73 15.60 29.67
CA GLN B 49 7.59 14.62 30.77
C GLN B 49 8.52 13.39 30.59
N ASN B 50 9.44 13.46 29.63
CA ASN B 50 10.22 12.28 29.22
C ASN B 50 9.39 11.00 29.21
N LYS B 51 8.12 11.10 28.76
CA LYS B 51 7.27 9.92 28.62
C LYS B 51 7.08 9.51 27.16
N GLU B 52 7.34 8.23 26.96
CA GLU B 52 7.24 7.57 25.69
C GLU B 52 5.76 7.40 25.39
N ILE B 53 5.31 8.13 24.36
CA ILE B 53 3.98 7.91 23.81
C ILE B 53 4.00 7.46 22.31
N LYS B 54 3.58 6.21 22.04
CA LYS B 54 3.30 5.68 20.69
C LYS B 54 1.88 6.03 20.28
N LEU B 55 1.67 6.36 19.01
CA LEU B 55 0.40 6.95 18.54
C LEU B 55 -0.01 6.54 17.11
N ILE B 56 -1.22 6.01 16.93
CA ILE B 56 -1.68 5.67 15.59
C ILE B 56 -2.83 6.55 15.24
N LEU B 57 -2.89 7.01 13.99
CA LEU B 57 -4.02 7.81 13.57
C LEU B 57 -4.89 7.15 12.48
N VAL B 58 -6.22 7.33 12.62
CA VAL B 58 -7.19 6.86 11.65
C VAL B 58 -8.09 7.99 11.18
N HIS B 59 -8.47 7.91 9.92
CA HIS B 59 -9.39 8.92 9.33
C HIS B 59 -10.30 8.15 8.40
N GLY B 60 -11.48 8.70 8.08
CA GLY B 60 -12.39 8.02 7.15
C GLY B 60 -12.23 8.50 5.72
N GLY B 61 -13.24 8.20 4.90
CA GLY B 61 -13.28 8.59 3.51
C GLY B 61 -13.73 10.04 3.34
N GLY B 62 -14.41 10.57 4.36
CA GLY B 62 -15.02 11.90 4.22
C GLY B 62 -15.52 12.18 2.81
N ALA B 63 -15.17 13.34 2.28
CA ALA B 63 -15.69 13.85 1.03
C ALA B 63 -15.01 13.20 -0.17
N PHE B 64 -14.18 12.21 0.11
CA PHE B 64 -13.42 11.63 -0.95
C PHE B 64 -13.90 10.24 -1.11
N GLY B 65 -13.88 9.47 -0.02
CA GLY B 65 -14.24 8.04 -0.15
C GLY B 65 -15.62 7.92 -0.77
N HIS B 66 -16.60 8.32 0.03
CA HIS B 66 -18.03 8.27 -0.34
C HIS B 66 -18.37 8.75 -1.77
N PRO B 67 -18.04 10.01 -2.12
CA PRO B 67 -18.63 10.26 -3.45
C PRO B 67 -18.13 9.27 -4.45
N VAL B 68 -16.89 8.78 -4.31
CA VAL B 68 -16.40 7.89 -5.37
C VAL B 68 -16.98 6.47 -5.17
N ALA B 69 -17.11 6.04 -3.92
CA ALA B 69 -17.72 4.73 -3.72
C ALA B 69 -19.09 4.73 -4.47
N LYS B 70 -19.91 5.74 -4.16
CA LYS B 70 -21.23 5.99 -4.80
C LYS B 70 -21.33 5.58 -6.26
N LYS B 71 -20.42 6.03 -7.11
CA LYS B 71 -20.48 5.62 -8.51
C LYS B 71 -20.48 4.11 -8.75
N TYR B 72 -20.13 3.31 -7.75
CA TYR B 72 -19.92 1.86 -7.98
C TYR B 72 -20.76 0.99 -7.04
N LEU B 73 -21.67 1.65 -6.33
CA LEU B 73 -22.65 1.00 -5.50
C LEU B 73 -24.02 1.04 -6.16
N LYS B 74 -24.58 -0.14 -6.39
CA LYS B 74 -25.96 -0.27 -6.85
C LYS B 74 -26.78 -0.98 -5.75
N ILE B 75 -28.03 -0.51 -5.53
CA ILE B 75 -29.03 -1.25 -4.75
C ILE B 75 -29.69 -2.31 -5.63
N GLU B 76 -29.47 -3.57 -5.26
CA GLU B 76 -29.89 -4.75 -6.04
C GLU B 76 -30.94 -5.51 -5.24
N ASP B 77 -32.19 -5.10 -5.29
CA ASP B 77 -33.04 -4.55 -4.26
C ASP B 77 -33.02 -4.62 -2.74
N GLY B 78 -32.44 -5.62 -2.05
CA GLY B 78 -31.82 -5.15 -0.80
C GLY B 78 -30.33 -5.13 -1.14
N LYS B 79 -29.48 -4.88 -0.14
CA LYS B 79 -28.00 -5.05 -0.22
C LYS B 79 -27.20 -4.29 -1.33
N LYS B 80 -26.49 -3.23 -0.93
CA LYS B 80 -25.44 -2.59 -1.75
C LYS B 80 -24.71 -3.57 -2.67
N ILE B 81 -24.58 -3.21 -3.95
CA ILE B 81 -23.81 -4.05 -4.87
C ILE B 81 -22.68 -3.29 -5.58
N PHE B 82 -21.46 -3.83 -5.48
CA PHE B 82 -20.35 -3.21 -6.16
C PHE B 82 -20.36 -3.61 -7.61
N ILE B 83 -20.28 -2.65 -8.50
CA ILE B 83 -20.27 -2.98 -9.91
C ILE B 83 -19.04 -2.40 -10.63
N ASN B 84 -18.62 -3.05 -11.70
CA ASN B 84 -17.54 -2.53 -12.55
C ASN B 84 -16.28 -2.20 -11.76
N MET B 85 -15.97 -3.06 -10.80
CA MET B 85 -14.80 -2.86 -9.99
C MET B 85 -13.52 -2.99 -10.75
N GLU B 86 -13.57 -3.33 -12.02
CA GLU B 86 -12.36 -3.29 -12.80
C GLU B 86 -11.85 -1.86 -13.02
N LYS B 87 -12.76 -0.90 -12.88
CA LYS B 87 -12.45 0.51 -12.89
C LYS B 87 -12.59 1.02 -11.44
N GLY B 88 -13.58 0.52 -10.71
CA GLY B 88 -13.96 1.07 -9.43
C GLY B 88 -12.95 0.88 -8.35
N PHE B 89 -12.21 -0.19 -8.40
CA PHE B 89 -11.36 -0.46 -7.29
C PHE B 89 -10.23 0.61 -7.29
N TRP B 90 -9.58 0.77 -8.45
CA TRP B 90 -8.60 1.85 -8.64
C TRP B 90 -9.15 3.19 -8.25
N GLU B 91 -10.28 3.54 -8.87
CA GLU B 91 -10.81 4.85 -8.71
C GLU B 91 -11.05 5.15 -7.29
N ILE B 92 -11.46 4.14 -6.54
CA ILE B 92 -11.65 4.42 -5.11
C ILE B 92 -10.29 4.53 -4.35
N GLN B 93 -9.38 3.60 -4.66
CA GLN B 93 -8.02 3.65 -4.13
C GLN B 93 -7.49 5.12 -4.34
N ARG B 94 -7.52 5.56 -5.59
CA ARG B 94 -7.02 6.82 -5.91
C ARG B 94 -7.59 7.90 -5.05
N ALA B 95 -8.92 7.95 -4.90
CA ALA B 95 -9.47 8.99 -4.10
C ALA B 95 -9.00 8.99 -2.65
N MET B 96 -9.02 7.83 -2.04
CA MET B 96 -8.54 7.74 -0.68
C MET B 96 -7.02 8.11 -0.65
N ARG B 97 -6.29 7.79 -1.72
CA ARG B 97 -4.85 8.17 -1.72
C ARG B 97 -4.65 9.70 -1.69
N ARG B 98 -5.51 10.40 -2.44
CA ARG B 98 -5.46 11.86 -2.45
C ARG B 98 -5.69 12.37 -1.06
N PHE B 99 -6.73 11.86 -0.40
CA PHE B 99 -7.13 12.36 0.89
C PHE B 99 -6.00 12.03 1.85
N ASN B 100 -5.51 10.81 1.85
CA ASN B 100 -4.45 10.45 2.78
C ASN B 100 -3.26 11.36 2.52
N ASN B 101 -2.97 11.66 1.24
CA ASN B 101 -1.75 12.42 0.95
C ASN B 101 -1.91 13.81 1.59
N ILE B 102 -3.04 14.47 1.31
CA ILE B 102 -3.28 15.75 1.94
C ILE B 102 -3.17 15.78 3.44
N ILE B 103 -3.70 14.74 4.09
CA ILE B 103 -3.63 14.72 5.53
C ILE B 103 -2.18 14.43 5.99
N ILE B 104 -1.52 13.48 5.33
CA ILE B 104 -0.16 13.19 5.83
C ILE B 104 0.74 14.42 5.56
N ASP B 105 0.48 15.13 4.46
CA ASP B 105 1.38 16.27 4.17
C ASP B 105 1.18 17.29 5.27
N THR B 106 -0.02 17.38 5.84
CA THR B 106 -0.31 18.43 6.79
C THR B 106 0.33 18.10 8.14
N LEU B 107 0.18 16.86 8.54
CA LEU B 107 0.85 16.38 9.72
C LEU B 107 2.38 16.57 9.69
N GLN B 108 2.99 16.16 8.57
CA GLN B 108 4.42 16.40 8.29
C GLN B 108 4.78 17.92 8.33
N SER B 109 3.94 18.82 7.84
CA SER B 109 4.28 20.22 8.05
C SER B 109 4.40 20.63 9.56
N TYR B 110 3.81 19.90 10.51
CA TYR B 110 4.02 20.20 11.94
C TYR B 110 5.01 19.23 12.54
N ASP B 111 5.78 18.54 11.72
CA ASP B 111 6.80 17.64 12.28
C ASP B 111 6.30 16.47 13.00
N ILE B 112 5.11 16.05 12.65
CA ILE B 112 4.66 14.76 13.13
C ILE B 112 5.10 13.70 12.17
N PRO B 113 5.79 12.74 12.72
CA PRO B 113 6.39 11.77 11.88
C PRO B 113 5.37 10.77 11.24
N ALA B 114 4.41 11.29 10.51
CA ALA B 114 3.37 10.49 9.86
C ALA B 114 3.81 9.67 8.61
N VAL B 115 3.19 8.49 8.44
CA VAL B 115 3.40 7.63 7.26
C VAL B 115 2.11 6.99 6.83
N SER B 116 2.03 6.55 5.56
CA SER B 116 0.80 5.98 5.01
C SER B 116 0.58 4.45 5.21
N ILE B 117 -0.55 4.07 5.80
CA ILE B 117 -1.01 2.67 5.77
C ILE B 117 -2.21 2.66 4.87
N GLN B 118 -2.13 1.96 3.76
CA GLN B 118 -3.21 1.90 2.76
C GLN B 118 -3.78 0.46 2.79
N PRO B 119 -4.92 0.27 3.41
CA PRO B 119 -5.52 -1.08 3.64
C PRO B 119 -5.89 -1.84 2.37
N SER B 120 -6.43 -1.14 1.36
CA SER B 120 -6.71 -1.81 0.06
C SER B 120 -5.53 -2.68 -0.42
N SER B 121 -4.33 -2.34 -0.02
CA SER B 121 -3.22 -3.13 -0.57
C SER B 121 -3.10 -4.48 0.07
N PHE B 122 -3.72 -4.71 1.22
CA PHE B 122 -3.38 -5.93 1.94
C PHE B 122 -4.40 -6.39 2.96
N VAL B 123 -5.50 -5.70 3.17
CA VAL B 123 -6.43 -6.14 4.16
C VAL B 123 -7.57 -6.93 3.49
N VAL B 124 -7.86 -8.12 3.99
CA VAL B 124 -8.98 -8.87 3.48
C VAL B 124 -10.07 -8.98 4.55
N PHE B 125 -11.23 -8.40 4.25
CA PHE B 125 -12.38 -8.48 5.13
C PHE B 125 -13.04 -9.83 4.91
N GLY B 126 -14.25 -9.97 5.40
CA GLY B 126 -14.95 -11.25 5.29
C GLY B 126 -14.60 -12.06 6.51
N ASP B 127 -14.86 -13.36 6.46
CA ASP B 127 -14.55 -14.24 7.58
C ASP B 127 -13.18 -13.94 8.16
N LYS B 128 -13.14 -13.60 9.45
CA LYS B 128 -11.89 -13.29 10.13
C LYS B 128 -11.15 -12.16 9.41
N LEU B 129 -11.20 -10.97 9.97
CA LEU B 129 -10.54 -9.81 9.39
C LEU B 129 -9.04 -10.03 9.26
N ILE B 130 -8.57 -10.15 8.02
CA ILE B 130 -7.14 -10.37 7.75
C ILE B 130 -6.37 -9.04 7.55
N PHE B 131 -5.49 -8.73 8.48
CA PHE B 131 -4.92 -7.43 8.55
C PHE B 131 -3.63 -7.56 9.33
N ASP B 132 -2.52 -7.84 8.64
CA ASP B 132 -1.25 -8.09 9.27
C ASP B 132 -0.68 -6.79 9.86
N THR B 133 -0.49 -6.77 11.18
CA THR B 133 0.03 -5.61 11.83
C THR B 133 1.55 -5.63 12.02
N SER B 134 2.25 -6.60 11.44
CA SER B 134 3.69 -6.54 11.65
C SER B 134 4.24 -5.15 11.36
N ALA B 135 4.00 -4.64 10.16
CA ALA B 135 4.63 -3.40 9.80
C ALA B 135 4.29 -2.32 10.76
N ILE B 136 3.02 -2.24 11.20
CA ILE B 136 2.63 -1.20 12.14
C ILE B 136 3.36 -1.29 13.49
N LYS B 137 3.57 -2.48 14.03
CA LYS B 137 4.27 -2.59 15.32
C LYS B 137 5.71 -2.10 15.18
N GLU B 138 6.41 -2.53 14.15
CA GLU B 138 7.72 -1.97 13.82
C GLU B 138 7.74 -0.46 13.64
N MET B 139 6.78 0.09 12.90
CA MET B 139 6.85 1.55 12.77
C MET B 139 6.76 2.20 14.12
N LEU B 140 5.91 1.61 14.96
CA LEU B 140 5.69 2.12 16.30
C LEU B 140 7.00 2.03 17.12
N LYS B 141 7.73 0.92 17.04
CA LYS B 141 9.05 0.86 17.71
C LYS B 141 9.98 1.96 17.25
N ARG B 142 9.68 2.63 16.13
CA ARG B 142 10.55 3.73 15.69
C ARG B 142 10.00 5.08 16.04
N ASN B 143 8.84 5.10 16.66
CA ASN B 143 8.19 6.36 16.96
C ASN B 143 7.67 7.09 15.74
N LEU B 144 7.37 6.32 14.71
CA LEU B 144 6.64 6.87 13.57
C LEU B 144 5.16 6.83 13.93
N VAL B 145 4.37 7.69 13.26
CA VAL B 145 2.91 7.75 13.40
C VAL B 145 2.11 7.27 12.16
N PRO B 146 1.80 5.98 12.12
CA PRO B 146 1.02 5.38 11.03
C PRO B 146 -0.32 6.08 10.90
N VAL B 147 -0.68 6.45 9.68
CA VAL B 147 -1.98 7.02 9.40
C VAL B 147 -2.76 6.07 8.47
N ILE B 148 -3.83 5.45 8.99
CA ILE B 148 -4.59 4.43 8.31
C ILE B 148 -5.88 5.08 7.93
N HIS B 149 -6.48 4.67 6.81
CA HIS B 149 -7.65 5.37 6.36
C HIS B 149 -8.70 4.40 5.89
N GLY B 150 -9.96 4.82 5.93
CA GLY B 150 -11.04 4.02 5.37
C GLY B 150 -10.62 3.69 3.96
N ASP B 151 -10.91 2.50 3.47
CA ASP B 151 -10.49 2.24 2.10
C ASP B 151 -11.43 1.20 1.44
N ILE B 152 -11.36 1.00 0.15
CA ILE B 152 -11.95 -0.17 -0.46
C ILE B 152 -11.03 -1.34 -0.14
N VAL B 153 -11.60 -2.51 0.15
CA VAL B 153 -10.85 -3.78 0.30
C VAL B 153 -11.57 -4.97 -0.31
N ILE B 154 -10.78 -5.96 -0.62
CA ILE B 154 -11.25 -7.27 -1.02
C ILE B 154 -12.10 -7.88 0.10
N ASP B 155 -13.14 -8.66 -0.23
CA ASP B 155 -13.91 -9.45 0.79
C ASP B 155 -14.14 -10.88 0.31
N ASP B 156 -13.33 -11.83 0.78
CA ASP B 156 -13.32 -13.20 0.24
C ASP B 156 -14.71 -13.91 0.21
N LYS B 157 -15.62 -13.51 1.07
CA LYS B 157 -17.03 -13.93 0.94
C LYS B 157 -17.81 -13.06 -0.03
N ASN B 158 -17.97 -11.78 0.29
CA ASN B 158 -18.77 -10.87 -0.55
C ASN B 158 -18.11 -10.14 -1.70
N GLY B 159 -16.83 -10.38 -2.00
CA GLY B 159 -16.18 -9.63 -3.09
C GLY B 159 -15.46 -8.32 -2.68
N TYR B 160 -16.25 -7.29 -2.45
CA TYR B 160 -15.66 -6.05 -2.01
C TYR B 160 -16.43 -5.47 -0.86
N ARG B 161 -15.72 -4.85 0.06
CA ARG B 161 -16.33 -4.21 1.18
C ARG B 161 -15.55 -2.91 1.38
N ILE B 162 -16.12 -2.00 2.14
CA ILE B 162 -15.47 -0.76 2.42
C ILE B 162 -15.13 -0.84 3.89
N ILE B 163 -13.87 -0.88 4.26
CA ILE B 163 -13.57 -0.99 5.67
C ILE B 163 -13.58 0.45 6.21
N SER B 164 -14.12 0.67 7.40
CA SER B 164 -14.23 2.02 7.90
C SER B 164 -13.36 2.15 9.11
N GLY B 165 -13.24 3.38 9.57
CA GLY B 165 -12.38 3.65 10.69
C GLY B 165 -12.90 2.88 11.87
N ASP B 166 -14.23 2.77 11.96
CA ASP B 166 -14.93 2.10 13.07
C ASP B 166 -14.51 0.61 13.23
N ASP B 167 -14.05 -0.01 12.14
CA ASP B 167 -13.52 -1.38 12.13
C ASP B 167 -12.12 -1.40 12.61
N ILE B 168 -11.37 -0.56 11.92
CA ILE B 168 -9.96 -0.51 12.04
C ILE B 168 -9.65 -0.11 13.43
N VAL B 169 -10.32 0.91 13.95
CA VAL B 169 -9.89 1.35 15.27
C VAL B 169 -10.01 0.28 16.40
N PRO B 170 -11.09 -0.50 16.42
CA PRO B 170 -11.18 -1.45 17.55
C PRO B 170 -10.34 -2.65 17.30
N TYR B 171 -10.39 -3.16 16.08
CA TYR B 171 -9.41 -4.18 15.70
C TYR B 171 -7.98 -3.86 16.21
N LEU B 172 -7.52 -2.63 16.02
CA LEU B 172 -6.13 -2.39 16.29
C LEU B 172 -5.89 -2.16 17.76
N ALA B 173 -6.85 -1.51 18.40
CA ALA B 173 -6.81 -1.36 19.87
C ALA B 173 -6.63 -2.71 20.55
N ASN B 174 -7.29 -3.74 20.01
CA ASN B 174 -7.20 -5.03 20.65
C ASN B 174 -6.03 -5.81 20.11
N GLU B 175 -5.69 -5.56 18.87
CA GLU B 175 -4.59 -6.26 18.29
C GLU B 175 -3.21 -5.76 18.80
N LEU B 176 -3.10 -4.48 19.15
CA LEU B 176 -1.88 -3.91 19.77
C LEU B 176 -2.10 -3.61 21.24
N LYS B 177 -3.27 -3.93 21.75
CA LYS B 177 -3.55 -3.62 23.13
C LYS B 177 -3.36 -2.14 23.49
N ALA B 178 -3.95 -1.22 22.75
CA ALA B 178 -3.80 0.19 23.10
C ALA B 178 -4.45 0.57 24.42
N ASP B 179 -3.85 1.55 25.08
CA ASP B 179 -4.32 2.02 26.37
C ASP B 179 -5.50 2.99 26.25
N LEU B 180 -5.38 3.96 25.35
CA LEU B 180 -6.29 5.07 25.30
C LEU B 180 -6.86 5.14 23.89
N ILE B 181 -8.18 5.25 23.78
CA ILE B 181 -8.85 5.24 22.46
C ILE B 181 -9.80 6.44 22.20
N LEU B 182 -9.57 7.18 21.12
CA LEU B 182 -10.24 8.43 20.96
C LEU B 182 -10.93 8.52 19.61
N TYR B 183 -12.17 8.98 19.63
CA TYR B 183 -12.92 9.19 18.45
C TYR B 183 -13.29 10.63 18.43
N ALA B 184 -12.67 11.42 17.56
CA ALA B 184 -13.10 12.82 17.44
C ALA B 184 -14.10 12.99 16.31
N THR B 185 -15.21 13.68 16.57
CA THR B 185 -16.37 13.57 15.69
C THR B 185 -16.99 14.92 15.76
N ASP B 186 -18.11 15.16 15.11
CA ASP B 186 -18.65 16.52 15.17
C ASP B 186 -19.75 16.71 16.22
N VAL B 187 -19.85 15.81 17.20
CA VAL B 187 -20.90 15.93 18.22
C VAL B 187 -20.32 15.88 19.64
N ASP B 188 -21.01 16.40 20.64
CA ASP B 188 -20.36 16.43 21.95
C ASP B 188 -20.15 15.13 22.62
N GLY B 189 -20.65 14.06 22.02
CA GLY B 189 -20.51 12.72 22.55
C GLY B 189 -21.55 11.82 21.89
N VAL B 190 -21.82 10.66 22.49
CA VAL B 190 -23.02 9.89 22.12
C VAL B 190 -24.27 10.61 22.65
N LEU B 191 -25.11 11.09 21.74
CA LEU B 191 -26.28 11.90 22.13
C LEU B 191 -27.53 11.06 22.45
N ILE B 192 -27.95 11.09 23.70
CA ILE B 192 -29.24 10.52 24.08
C ILE B 192 -30.25 11.64 24.34
N ASP B 193 -31.26 11.70 23.48
CA ASP B 193 -32.30 12.71 23.59
C ASP B 193 -31.61 14.05 23.50
N ASN B 194 -30.78 14.16 22.47
CA ASN B 194 -30.05 15.37 22.22
C ASN B 194 -29.19 15.80 23.39
N LYS B 195 -28.63 14.84 24.10
CA LYS B 195 -27.77 15.16 25.18
C LYS B 195 -26.76 14.01 25.34
N PRO B 196 -25.49 14.38 25.57
CA PRO B 196 -24.31 13.53 25.69
C PRO B 196 -24.18 12.73 26.99
N ILE B 197 -24.39 11.42 26.95
CA ILE B 197 -24.19 10.66 28.17
C ILE B 197 -22.77 10.74 28.64
N LYS B 198 -22.62 10.99 29.93
CA LYS B 198 -21.34 11.01 30.58
C LYS B 198 -20.59 9.69 30.38
N ARG B 199 -21.33 8.57 30.31
CA ARG B 199 -20.68 7.25 30.35
C ARG B 199 -21.53 6.13 29.81
N ILE B 200 -20.95 4.95 29.58
CA ILE B 200 -21.75 3.83 29.02
C ILE B 200 -21.29 2.44 29.45
N ASP B 201 -21.96 1.87 30.46
CA ASP B 201 -21.54 0.60 31.13
C ASP B 201 -21.93 -0.67 30.39
N LYS B 202 -21.99 -1.78 31.12
CA LYS B 202 -22.81 -2.89 30.65
C LYS B 202 -24.21 -2.88 31.32
N ASN B 203 -24.49 -1.88 32.16
CA ASN B 203 -25.84 -1.67 32.77
C ASN B 203 -26.82 -0.91 31.88
N ASN B 204 -26.49 0.37 31.70
CA ASN B 204 -27.28 1.25 30.86
C ASN B 204 -27.12 0.90 29.38
N ILE B 205 -26.17 0.03 29.04
CA ILE B 205 -25.99 -0.30 27.63
C ILE B 205 -27.21 -0.97 27.06
N TYR B 206 -27.87 -1.78 27.88
CA TYR B 206 -29.09 -2.47 27.51
C TYR B 206 -30.12 -1.46 26.99
N LYS B 207 -30.40 -0.46 27.85
CA LYS B 207 -31.32 0.64 27.51
C LYS B 207 -30.89 1.47 26.25
N ILE B 208 -29.59 1.44 25.95
CA ILE B 208 -29.00 2.28 24.90
C ILE B 208 -29.05 1.72 23.48
N LEU B 209 -28.66 0.46 23.34
CA LEU B 209 -28.87 -0.26 22.09
C LEU B 209 -30.35 -0.18 21.68
N ASN B 210 -31.24 -0.39 22.65
CA ASN B 210 -32.67 -0.24 22.38
C ASN B 210 -32.97 1.08 21.68
N TYR B 211 -32.61 2.17 22.34
CA TYR B 211 -32.76 3.51 21.80
C TYR B 211 -32.18 3.67 20.42
N LEU B 212 -31.01 3.05 20.19
CA LEU B 212 -30.23 3.30 18.97
C LEU B 212 -30.74 2.59 17.75
N SER B 213 -31.98 2.11 17.82
CA SER B 213 -32.60 1.48 16.64
C SER B 213 -34.10 1.74 16.61
N MET B 224 -22.99 4.76 14.27
CA MET B 224 -22.74 5.07 15.68
C MET B 224 -23.32 3.96 16.52
N LYS B 225 -24.23 3.26 15.85
CA LYS B 225 -24.73 1.96 16.23
C LYS B 225 -23.49 1.08 16.38
N TYR B 226 -22.92 0.84 15.20
CA TYR B 226 -21.85 -0.07 14.86
C TYR B 226 -20.58 0.23 15.65
N LYS B 227 -20.36 1.51 15.88
CA LYS B 227 -19.27 2.00 16.74
C LYS B 227 -19.35 1.44 18.15
N ILE B 228 -20.45 1.69 18.84
CA ILE B 228 -20.54 1.32 20.25
C ILE B 228 -20.45 -0.18 20.43
N GLU B 229 -20.91 -0.90 19.42
CA GLU B 229 -20.86 -2.33 19.51
C GLU B 229 -19.42 -2.80 19.28
N MET B 230 -18.88 -2.43 18.12
CA MET B 230 -17.58 -2.95 17.69
C MET B 230 -16.53 -2.83 18.81
N ILE B 231 -16.67 -1.79 19.62
CA ILE B 231 -15.79 -1.64 20.77
C ILE B 231 -16.15 -2.52 21.98
N ARG B 232 -17.43 -2.86 22.18
CA ARG B 232 -17.80 -3.85 23.24
C ARG B 232 -17.24 -5.25 22.94
N LYS B 233 -17.50 -5.76 21.74
CA LYS B 233 -16.90 -7.01 21.34
C LYS B 233 -15.42 -6.73 21.27
N ASN B 234 -14.77 -6.71 22.43
CA ASN B 234 -13.34 -6.41 22.49
C ASN B 234 -12.91 -5.88 23.85
N LYS B 235 -13.86 -5.74 24.77
CA LYS B 235 -13.55 -5.21 26.09
C LYS B 235 -12.60 -3.99 26.01
N CYS B 236 -12.85 -3.11 25.04
CA CYS B 236 -12.06 -1.90 24.92
C CYS B 236 -12.57 -0.87 25.85
N ARG B 237 -11.98 0.31 25.72
CA ARG B 237 -12.39 1.47 26.46
C ARG B 237 -12.09 2.73 25.61
N GLY B 238 -13.13 3.46 25.16
CA GLY B 238 -12.94 4.64 24.30
C GLY B 238 -13.65 5.93 24.68
N PHE B 239 -13.28 7.03 24.03
CA PHE B 239 -13.93 8.32 24.26
C PHE B 239 -14.44 8.93 22.97
N VAL B 240 -15.71 9.38 22.99
CA VAL B 240 -16.30 10.02 21.83
C VAL B 240 -16.52 11.46 22.22
N PHE B 241 -16.00 12.40 21.42
CA PHE B 241 -16.01 13.82 21.79
C PHE B 241 -16.02 14.72 20.59
N ASN B 242 -16.00 16.01 20.84
CA ASN B 242 -16.22 16.97 19.77
C ASN B 242 -14.88 17.46 19.23
N GLY B 243 -14.65 17.18 17.95
CA GLY B 243 -13.34 17.43 17.33
C GLY B 243 -13.23 18.86 16.81
N ASN B 244 -14.37 19.52 16.67
CA ASN B 244 -14.39 20.89 16.21
C ASN B 244 -14.10 21.87 17.33
N LYS B 245 -14.24 21.48 18.59
CA LYS B 245 -14.03 22.48 19.62
C LYS B 245 -12.54 22.63 19.81
N ALA B 246 -12.04 23.82 19.51
CA ALA B 246 -10.61 24.05 19.61
C ALA B 246 -10.14 23.41 20.91
N ASN B 247 -9.05 22.65 20.87
CA ASN B 247 -8.45 22.12 22.07
C ASN B 247 -8.91 20.80 22.62
N ASN B 248 -10.01 20.31 22.10
CA ASN B 248 -10.50 19.03 22.57
C ASN B 248 -9.48 17.95 22.32
N ILE B 249 -8.88 18.02 21.15
CA ILE B 249 -7.98 16.97 20.77
C ILE B 249 -6.72 16.99 21.62
N TYR B 250 -6.16 18.18 21.77
CA TYR B 250 -5.03 18.38 22.68
C TYR B 250 -5.41 17.81 24.07
N LYS B 251 -6.50 18.31 24.67
CA LYS B 251 -6.90 17.78 25.99
C LYS B 251 -7.10 16.27 25.98
N ALA B 252 -7.79 15.78 24.96
CA ALA B 252 -8.18 14.40 24.97
C ALA B 252 -6.92 13.59 24.92
N LEU B 253 -5.99 14.01 24.07
CA LEU B 253 -4.78 13.25 23.89
C LEU B 253 -4.04 13.12 25.21
N LEU B 254 -3.95 14.22 25.96
CA LEU B 254 -3.35 14.19 27.29
C LEU B 254 -4.13 13.39 28.35
N GLY B 255 -5.26 12.83 27.99
CA GLY B 255 -5.90 11.84 28.87
C GLY B 255 -6.92 12.50 29.76
N GLU B 256 -7.45 13.63 29.32
CA GLU B 256 -8.49 14.28 30.07
C GLU B 256 -9.80 14.00 29.37
N VAL B 257 -10.60 13.12 29.99
CA VAL B 257 -11.97 12.79 29.55
C VAL B 257 -12.68 13.95 28.82
N GLU B 258 -13.44 13.61 27.79
CA GLU B 258 -14.06 14.64 27.01
C GLU B 258 -15.29 13.99 26.43
N GLY B 259 -16.46 14.54 26.71
CA GLY B 259 -17.69 13.98 26.16
C GLY B 259 -18.06 12.64 26.77
N THR B 260 -18.27 11.62 25.92
CA THR B 260 -18.83 10.31 26.29
C THR B 260 -17.80 9.23 26.48
N GLU B 261 -17.71 8.69 27.69
CA GLU B 261 -16.91 7.47 27.91
C GLU B 261 -17.65 6.16 27.59
N ILE B 262 -16.97 5.18 27.01
CA ILE B 262 -17.59 3.92 26.70
C ILE B 262 -16.67 2.79 27.20
N ASP B 263 -17.05 2.17 28.30
CA ASP B 263 -16.14 1.24 28.97
C ASP B 263 -16.50 -0.26 28.89
N PHE B 264 -15.74 -1.03 28.10
CA PHE B 264 -15.83 -2.49 28.17
C PHE B 264 -14.49 -3.16 28.50
O IS3 C . 13.95 0.34 -8.51
C1 IS3 C . 12.77 0.89 -5.94
O1 IS3 C . 13.29 -0.42 -6.18
P1 IS3 C . 13.83 -1.00 -7.60
C2 IS3 C . 13.86 1.93 -5.66
O2 IS3 C . 12.84 -2.00 -8.14
P2 IS3 C . 14.60 0.45 -10.03
C3 IS3 C . 13.55 2.86 -4.48
O3 IS3 C . 15.24 -1.50 -7.38
C4 IS3 C . 14.52 3.98 -4.15
O4 IS3 C . 16.07 0.31 -9.73
C5 IS3 C . 12.46 2.72 -3.73
O5 IS3 C . 14.18 1.73 -10.82
S6 IS3 C . 13.89 -1.08 -11.15
S SO4 D . 16.35 -4.39 -14.44
O1 SO4 D . 17.32 -5.29 -15.05
O2 SO4 D . 17.00 -3.63 -13.36
O3 SO4 D . 15.90 -3.40 -15.48
O4 SO4 D . 15.26 -5.15 -13.81
S SO4 E . 4.21 17.88 -6.02
O1 SO4 E . 4.62 17.06 -7.16
O2 SO4 E . 4.30 19.32 -6.33
O3 SO4 E . 2.81 17.68 -5.63
O4 SO4 E . 5.06 17.56 -4.89
O IS3 F . -14.77 7.07 7.24
C1 IS3 F . -15.09 5.24 4.58
O1 IS3 F . -14.41 5.05 5.81
P1 IS3 F . -15.01 5.48 7.25
C2 IS3 F . -14.12 4.61 3.58
O2 IS3 F . -14.13 4.89 8.33
P2 IS3 F . -15.87 8.26 7.37
C3 IS3 F . -14.56 4.83 2.14
O3 IS3 F . -16.47 5.10 7.11
C4 IS3 F . -15.94 5.41 1.86
O4 IS3 F . -17.18 7.68 6.79
C5 IS3 F . -13.75 4.51 1.14
O5 IS3 F . -15.28 9.46 6.60
S6 IS3 F . -16.03 8.78 9.31
S SO4 G . -17.73 10.35 12.98
O1 SO4 G . -16.52 9.63 13.36
O2 SO4 G . -17.42 11.58 12.24
O3 SO4 G . -18.56 9.43 12.19
O4 SO4 G . -18.44 10.73 14.20
S SO4 H . -11.43 25.90 5.91
O1 SO4 H . -12.37 24.88 6.38
O2 SO4 H . -10.54 26.19 6.99
O3 SO4 H . -10.72 25.42 4.77
O4 SO4 H . -12.05 27.12 5.48
#